data_1SN0
#
_entry.id   1SN0
#
_cell.length_a   58.455
_cell.length_b   58.455
_cell.length_c   140.116
_cell.angle_alpha   90.00
_cell.angle_beta   90.00
_cell.angle_gamma   90.00
#
_symmetry.space_group_name_H-M   'P 41'
#
loop_
_entity.id
_entity.type
_entity.pdbx_description
1 polymer transthyretin
2 non-polymer 'SULFATE ION'
3 non-polymer "3,5,3',5'-TETRAIODO-L-THYRONINE"
4 water water
#
_entity_poly.entity_id   1
_entity_poly.type   'polypeptide(L)'
_entity_poly.pdbx_seq_one_letter_code
;TPTDKHGGSDTRCPLMVKILDAVKGTPAGSVALKVSQKTADGGWTQIATGVTDATGEIHNLITEQQFPAGVYRVEFDTKA
YWTNQGSTPFHEVAEVVFDAHPEGHRHYTLALLLSPFSYTTTAVVSSVHE
;
_entity_poly.pdbx_strand_id   A,B,C,D
#
loop_
_chem_comp.id
_chem_comp.type
_chem_comp.name
_chem_comp.formula
SO4 non-polymer 'SULFATE ION' 'O4 S -2'
T44 non-polymer 3,5,3',5'-TETRAIODO-L-THYRONINE 'C15 H11 I4 N O4'
#
# COMPACT_ATOMS: atom_id res chain seq x y z
N CYS A 13 -10.57 14.12 -19.65
CA CYS A 13 -9.17 13.71 -19.95
C CYS A 13 -9.01 12.22 -19.79
N PRO A 14 -8.37 11.60 -20.76
CA PRO A 14 -8.20 10.16 -20.74
C PRO A 14 -7.17 9.66 -19.72
N LEU A 15 -6.28 10.53 -19.26
CA LEU A 15 -5.22 10.10 -18.37
C LEU A 15 -5.00 11.13 -17.27
N MET A 16 -5.32 10.77 -16.04
CA MET A 16 -5.18 11.66 -14.90
C MET A 16 -4.24 11.02 -13.87
N VAL A 17 -3.66 11.84 -13.00
CA VAL A 17 -2.85 11.32 -11.92
C VAL A 17 -3.32 11.91 -10.60
N LYS A 18 -3.08 11.17 -9.52
CA LYS A 18 -3.37 11.64 -8.16
C LYS A 18 -2.25 11.12 -7.27
N ILE A 19 -1.37 12.02 -6.89
CA ILE A 19 -0.23 11.62 -6.09
C ILE A 19 -0.37 12.13 -4.67
N LEU A 20 -0.20 11.23 -3.72
CA LEU A 20 -0.30 11.57 -2.31
C LEU A 20 1.02 11.33 -1.59
N ASP A 21 1.30 12.18 -0.62
CA ASP A 21 2.48 12.06 0.22
C ASP A 21 2.06 11.43 1.54
N ALA A 22 2.54 10.21 1.80
CA ALA A 22 2.12 9.45 2.97
C ALA A 22 2.86 9.89 4.23
N VAL A 23 3.83 10.79 4.07
CA VAL A 23 4.57 11.26 5.22
C VAL A 23 3.85 12.45 5.80
N LYS A 24 3.44 13.37 4.93
CA LYS A 24 2.80 14.60 5.32
C LYS A 24 1.27 14.55 5.39
N GLY A 25 0.67 13.58 4.71
CA GLY A 25 -0.78 13.52 4.66
C GLY A 25 -1.37 14.60 3.77
N THR A 26 -0.65 14.95 2.71
CA THR A 26 -1.16 15.88 1.72
C THR A 26 -0.89 15.29 0.37
N PRO A 27 -1.48 15.89 -0.65
CA PRO A 27 -1.13 15.49 -2.01
C PRO A 27 0.31 15.90 -2.22
N ALA A 28 0.98 15.24 -3.16
CA ALA A 28 2.36 15.54 -3.50
C ALA A 28 2.38 16.60 -4.59
N GLY A 29 2.71 17.84 -4.23
CA GLY A 29 2.77 18.92 -5.20
C GLY A 29 4.12 18.97 -5.86
N SER A 30 4.15 19.52 -7.08
CA SER A 30 5.39 19.72 -7.83
C SER A 30 6.19 18.47 -8.15
N VAL A 31 5.48 17.37 -8.38
CA VAL A 31 6.10 16.14 -8.81
C VAL A 31 6.19 16.17 -10.33
N ALA A 32 7.39 16.05 -10.86
CA ALA A 32 7.56 16.06 -12.29
C ALA A 32 7.26 14.69 -12.85
N LEU A 33 6.60 14.64 -14.01
CA LEU A 33 6.39 13.37 -14.66
C LEU A 33 6.45 13.49 -16.18
N LYS A 34 6.61 12.33 -16.83
CA LYS A 34 6.65 12.24 -18.27
C LYS A 34 5.83 11.03 -18.68
N VAL A 35 5.21 11.15 -19.84
CA VAL A 35 4.38 10.09 -20.39
C VAL A 35 5.02 9.73 -21.72
N SER A 36 5.28 8.44 -21.91
CA SER A 36 5.85 7.92 -23.14
C SER A 36 4.96 6.82 -23.68
N GLN A 37 4.99 6.66 -25.00
CA GLN A 37 4.26 5.60 -25.67
C GLN A 37 5.25 4.64 -26.32
N LYS A 38 4.99 3.35 -26.20
CA LYS A 38 5.83 2.34 -26.83
C LYS A 38 5.62 2.44 -28.35
N THR A 39 6.71 2.43 -29.12
CA THR A 39 6.59 2.49 -30.59
C THR A 39 6.61 1.09 -31.19
N ALA A 40 6.34 1.01 -32.49
CA ALA A 40 6.30 -0.26 -33.20
C ALA A 40 7.61 -1.06 -33.09
N ASP A 41 8.74 -0.36 -33.00
CA ASP A 41 10.02 -1.06 -32.93
C ASP A 41 10.44 -1.44 -31.51
N GLY A 42 9.59 -1.15 -30.53
CA GLY A 42 9.88 -1.51 -29.15
C GLY A 42 10.46 -0.37 -28.33
N GLY A 43 10.72 0.75 -28.96
CA GLY A 43 11.27 1.91 -28.28
C GLY A 43 10.19 2.75 -27.62
N TRP A 44 10.57 3.89 -27.06
CA TRP A 44 9.64 4.77 -26.38
C TRP A 44 9.69 6.17 -26.95
N THR A 45 8.51 6.76 -27.14
CA THR A 45 8.42 8.12 -27.60
C THR A 45 7.65 8.96 -26.58
N GLN A 46 8.30 10.01 -26.11
CA GLN A 46 7.71 10.90 -25.13
C GLN A 46 6.63 11.77 -25.77
N ILE A 47 5.44 11.76 -25.17
CA ILE A 47 4.30 12.49 -25.72
C ILE A 47 3.78 13.61 -24.84
N ALA A 48 4.16 13.62 -23.57
CA ALA A 48 3.77 14.71 -22.69
C ALA A 48 4.69 14.79 -21.46
N THR A 49 4.82 15.97 -20.89
CA THR A 49 5.53 16.13 -19.63
C THR A 49 4.65 17.02 -18.81
N GLY A 50 4.90 17.04 -17.51
CA GLY A 50 4.12 17.88 -16.63
C GLY A 50 4.60 17.81 -15.20
N VAL A 51 3.96 18.60 -14.35
CA VAL A 51 4.31 18.69 -12.95
C VAL A 51 3.01 18.84 -12.17
N THR A 52 2.83 18.04 -11.11
CA THR A 52 1.59 18.10 -10.35
C THR A 52 1.38 19.43 -9.66
N ASP A 53 0.10 19.82 -9.59
CA ASP A 53 -0.30 21.03 -8.86
C ASP A 53 -0.40 20.66 -7.38
N ALA A 54 -0.85 21.61 -6.57
CA ALA A 54 -0.95 21.40 -5.12
C ALA A 54 -1.95 20.29 -4.74
N THR A 55 -2.84 19.88 -5.65
CA THR A 55 -3.78 18.80 -5.34
C THR A 55 -3.23 17.44 -5.74
N GLY A 56 -2.01 17.43 -6.25
CA GLY A 56 -1.34 16.21 -6.66
C GLY A 56 -1.85 15.70 -8.01
N GLU A 57 -2.34 16.62 -8.83
CA GLU A 57 -2.93 16.28 -10.11
C GLU A 57 -2.29 17.06 -11.26
N ILE A 58 -2.56 16.59 -12.47
CA ILE A 58 -2.13 17.28 -13.67
C ILE A 58 -3.33 17.35 -14.60
N HIS A 59 -3.80 18.56 -14.87
CA HIS A 59 -4.95 18.69 -15.78
C HIS A 59 -4.49 18.78 -17.23
N ASN A 60 -5.29 18.20 -18.14
CA ASN A 60 -5.03 18.26 -19.57
C ASN A 60 -3.62 17.78 -19.96
N LEU A 61 -3.22 16.64 -19.42
CA LEU A 61 -1.91 16.05 -19.68
C LEU A 61 -1.78 15.66 -21.14
N ILE A 62 -2.78 14.93 -21.64
CA ILE A 62 -2.87 14.56 -23.05
C ILE A 62 -4.35 14.58 -23.47
N THR A 63 -4.60 14.55 -24.78
CA THR A 63 -5.95 14.54 -25.32
C THR A 63 -6.33 13.13 -25.73
N GLU A 64 -7.60 12.92 -26.06
CA GLU A 64 -8.10 11.63 -26.54
C GLU A 64 -7.36 11.18 -27.80
N GLN A 65 -7.14 12.11 -28.73
CA GLN A 65 -6.42 11.80 -29.97
C GLN A 65 -5.00 11.29 -29.73
N GLN A 66 -4.32 11.83 -28.73
CA GLN A 66 -2.96 11.38 -28.41
C GLN A 66 -2.93 10.08 -27.64
N PHE A 67 -4.10 9.51 -27.38
CA PHE A 67 -4.17 8.34 -26.52
C PHE A 67 -4.87 7.14 -27.14
N PRO A 68 -4.36 6.63 -28.25
CA PRO A 68 -4.95 5.40 -28.78
C PRO A 68 -4.46 4.22 -27.97
N ALA A 69 -5.09 3.06 -28.17
CA ALA A 69 -4.63 1.85 -27.53
C ALA A 69 -3.13 1.63 -27.81
N GLY A 70 -2.42 1.20 -26.80
CA GLY A 70 -1.00 0.91 -26.91
C GLY A 70 -0.43 0.78 -25.52
N VAL A 71 0.88 0.61 -25.44
CA VAL A 71 1.56 0.52 -24.16
C VAL A 71 2.13 1.90 -23.86
N TYR A 72 1.84 2.39 -22.66
CA TYR A 72 2.36 3.66 -22.17
C TYR A 72 3.15 3.47 -20.89
N ARG A 73 4.06 4.41 -20.64
CA ARG A 73 4.88 4.43 -19.46
C ARG A 73 4.79 5.83 -18.86
N VAL A 74 4.36 5.93 -17.60
CA VAL A 74 4.33 7.21 -16.91
C VAL A 74 5.43 7.14 -15.86
N GLU A 75 6.36 8.07 -15.95
CA GLU A 75 7.53 8.10 -15.08
C GLU A 75 7.47 9.34 -14.22
N PHE A 76 7.47 9.12 -12.90
CA PHE A 76 7.39 10.17 -11.90
C PHE A 76 8.76 10.36 -11.27
N ASP A 77 9.19 11.61 -11.16
CA ASP A 77 10.48 11.92 -10.55
C ASP A 77 10.34 12.02 -9.03
N THR A 78 10.15 10.86 -8.40
CA THR A 78 9.93 10.80 -6.95
C THR A 78 11.22 11.05 -6.20
N LYS A 79 12.35 10.75 -6.83
CA LYS A 79 13.63 10.93 -6.17
C LYS A 79 13.85 12.43 -5.89
N ALA A 80 13.58 13.27 -6.88
CA ALA A 80 13.73 14.71 -6.71
C ALA A 80 12.75 15.24 -5.68
N TYR A 81 11.50 14.74 -5.72
CA TYR A 81 10.51 15.11 -4.74
C TYR A 81 11.03 14.89 -3.31
N TRP A 82 11.53 13.69 -3.04
CA TRP A 82 12.02 13.37 -1.69
C TRP A 82 13.28 14.14 -1.34
N THR A 83 14.16 14.30 -2.31
CA THR A 83 15.36 15.11 -2.10
C THR A 83 14.96 16.53 -1.69
N ASN A 84 13.99 17.11 -2.40
CA ASN A 84 13.52 18.45 -2.07
C ASN A 84 12.81 18.52 -0.71
N GLN A 85 12.28 17.40 -0.24
CA GLN A 85 11.61 17.36 1.07
C GLN A 85 12.61 17.18 2.19
N GLY A 86 13.88 16.94 1.86
CA GLY A 86 14.92 16.74 2.85
C GLY A 86 14.96 15.29 3.35
N SER A 87 14.38 14.38 2.57
CA SER A 87 14.35 12.98 2.93
C SER A 87 15.39 12.17 2.13
N THR A 88 15.45 10.88 2.42
CA THR A 88 16.33 9.99 1.69
C THR A 88 15.47 8.96 1.00
N PRO A 89 15.31 9.06 -0.31
CA PRO A 89 14.48 8.12 -1.04
C PRO A 89 15.23 6.89 -1.52
N PHE A 90 14.48 5.82 -1.71
CA PHE A 90 15.01 4.59 -2.23
C PHE A 90 14.97 4.54 -3.76
N HIS A 91 13.79 4.73 -4.35
CA HIS A 91 13.62 4.60 -5.79
C HIS A 91 14.26 5.72 -6.59
N GLU A 92 14.82 5.36 -7.73
CA GLU A 92 15.36 6.36 -8.66
C GLU A 92 14.24 7.13 -9.32
N VAL A 93 13.14 6.45 -9.55
CA VAL A 93 12.02 6.97 -10.28
C VAL A 93 10.85 6.06 -9.94
N ALA A 94 9.61 6.53 -10.08
CA ALA A 94 8.47 5.64 -9.94
C ALA A 94 7.92 5.39 -11.35
N GLU A 95 7.77 4.13 -11.74
CA GLU A 95 7.34 3.84 -13.10
C GLU A 95 6.07 3.04 -13.20
N VAL A 96 5.13 3.56 -13.99
CA VAL A 96 3.85 2.92 -14.19
C VAL A 96 3.67 2.59 -15.66
N VAL A 97 3.71 1.31 -15.99
CA VAL A 97 3.67 0.85 -17.37
C VAL A 97 2.42 0.01 -17.57
N PHE A 98 1.61 0.36 -18.56
CA PHE A 98 0.34 -0.32 -18.79
C PHE A 98 -0.10 -0.28 -20.24
N ASP A 99 -0.90 -1.26 -20.62
CA ASP A 99 -1.53 -1.28 -21.93
C ASP A 99 -2.82 -0.52 -21.76
N ALA A 100 -2.95 0.59 -22.47
CA ALA A 100 -4.15 1.40 -22.38
C ALA A 100 -5.22 0.89 -23.34
N HIS A 101 -6.45 0.82 -22.85
CA HIS A 101 -7.59 0.43 -23.66
C HIS A 101 -8.62 1.54 -23.48
N PRO A 102 -8.51 2.59 -24.29
CA PRO A 102 -9.37 3.76 -24.15
C PRO A 102 -10.73 3.59 -24.80
N GLU A 103 -10.95 2.51 -25.54
CA GLU A 103 -12.21 2.32 -26.26
C GLU A 103 -13.34 2.35 -25.25
N GLY A 104 -14.47 2.86 -25.68
CA GLY A 104 -15.64 2.87 -24.82
C GLY A 104 -15.53 3.89 -23.71
N HIS A 105 -15.01 5.05 -24.07
CA HIS A 105 -14.84 6.18 -23.16
C HIS A 105 -14.27 5.74 -21.81
N ARG A 106 -13.26 4.88 -21.85
CA ARG A 106 -12.60 4.46 -20.62
C ARG A 106 -11.48 5.43 -20.32
N HIS A 107 -11.52 6.02 -19.13
CA HIS A 107 -10.48 6.96 -18.69
C HIS A 107 -9.66 6.35 -17.56
N TYR A 108 -8.41 6.76 -17.44
CA TYR A 108 -7.47 6.26 -16.45
C TYR A 108 -7.04 7.31 -15.43
N THR A 109 -7.08 6.95 -14.15
CA THR A 109 -6.47 7.74 -13.09
C THR A 109 -5.38 6.89 -12.49
N LEU A 110 -4.16 7.38 -12.54
CA LEU A 110 -3.04 6.68 -11.95
C LEU A 110 -2.86 7.23 -10.55
N ALA A 111 -3.25 6.44 -9.55
CA ALA A 111 -3.08 6.88 -8.17
C ALA A 111 -1.72 6.40 -7.69
N LEU A 112 -1.04 7.25 -6.96
CA LEU A 112 0.32 6.97 -6.54
C LEU A 112 0.46 7.43 -5.09
N LEU A 113 0.76 6.51 -4.19
CA LEU A 113 0.95 6.82 -2.77
C LEU A 113 2.45 6.79 -2.48
N LEU A 114 3.02 7.92 -2.05
CA LEU A 114 4.48 7.97 -1.88
C LEU A 114 4.98 8.07 -0.45
N SER A 115 6.00 7.25 -0.14
CA SER A 115 6.80 7.30 1.08
C SER A 115 8.26 7.16 0.59
N PRO A 116 9.25 7.66 1.33
CA PRO A 116 10.63 7.57 0.83
C PRO A 116 11.10 6.17 0.41
N PHE A 117 10.75 5.14 1.15
CA PHE A 117 11.18 3.78 0.82
C PHE A 117 10.05 2.88 0.33
N SER A 118 8.96 3.49 -0.11
CA SER A 118 7.84 2.73 -0.65
C SER A 118 6.89 3.57 -1.51
N TYR A 119 6.37 3.00 -2.59
CA TYR A 119 5.26 3.65 -3.30
C TYR A 119 4.24 2.60 -3.73
N THR A 120 2.99 3.02 -3.83
CA THR A 120 1.91 2.17 -4.29
C THR A 120 1.35 2.75 -5.57
N THR A 121 1.28 1.95 -6.62
CA THR A 121 0.70 2.39 -7.86
C THR A 121 -0.61 1.65 -8.07
N THR A 122 -1.69 2.41 -8.12
CA THR A 122 -3.01 1.87 -8.35
C THR A 122 -3.55 2.56 -9.57
N ALA A 123 -4.46 1.88 -10.27
CA ALA A 123 -5.16 2.46 -11.41
C ALA A 123 -6.67 2.40 -11.18
N VAL A 124 -7.36 3.47 -11.56
CA VAL A 124 -8.82 3.50 -11.51
C VAL A 124 -9.26 3.70 -12.95
N VAL A 125 -9.98 2.72 -13.42
CA VAL A 125 -10.45 2.76 -14.80
C VAL A 125 -11.96 3.02 -14.98
N SER A 126 -12.65 3.32 -13.90
CA SER A 126 -14.04 3.76 -13.97
C SER A 126 -14.28 4.62 -12.76
N SER A 127 -15.09 5.67 -12.92
CA SER A 127 -15.44 6.52 -11.79
C SER A 127 -16.43 5.82 -10.84
N VAL A 128 -17.05 4.73 -11.28
CA VAL A 128 -18.02 4.02 -10.45
C VAL A 128 -17.79 2.50 -10.36
N HIS A 129 -18.35 1.92 -9.33
CA HIS A 129 -18.27 0.48 -9.12
C HIS A 129 -19.24 -0.32 -9.99
N GLU A 130 -18.95 -1.62 -10.13
CA GLU A 130 -19.80 -2.62 -10.82
C GLU A 130 -19.29 -4.06 -10.77
N CYS B 13 23.83 -12.94 0.32
CA CYS B 13 22.93 -12.52 -0.80
C CYS B 13 22.56 -11.04 -0.67
N PRO B 14 23.08 -10.23 -1.57
CA PRO B 14 22.87 -8.78 -1.50
C PRO B 14 21.52 -8.31 -1.99
N LEU B 15 20.84 -9.12 -2.80
CA LEU B 15 19.59 -8.70 -3.39
C LEU B 15 18.57 -9.82 -3.29
N MET B 16 17.56 -9.61 -2.46
CA MET B 16 16.51 -10.59 -2.26
C MET B 16 15.18 -9.95 -2.63
N VAL B 17 14.19 -10.80 -2.89
CA VAL B 17 12.87 -10.30 -3.17
C VAL B 17 11.86 -11.06 -2.31
N LYS B 18 10.74 -10.40 -2.03
CA LYS B 18 9.64 -11.04 -1.33
C LYS B 18 8.34 -10.55 -1.94
N ILE B 19 7.66 -11.45 -2.66
CA ILE B 19 6.44 -11.08 -3.35
C ILE B 19 5.25 -11.78 -2.73
N LEU B 20 4.22 -11.00 -2.43
CA LEU B 20 2.97 -11.48 -1.86
C LEU B 20 1.79 -11.20 -2.76
N ASP B 21 0.81 -12.07 -2.69
CA ASP B 21 -0.41 -11.96 -3.45
C ASP B 21 -1.48 -11.50 -2.47
N ALA B 22 -1.98 -10.30 -2.70
CA ALA B 22 -2.91 -9.66 -1.78
C ALA B 22 -4.33 -10.13 -1.98
N VAL B 23 -4.55 -10.94 -3.01
CA VAL B 23 -5.88 -11.49 -3.26
C VAL B 23 -6.03 -12.76 -2.48
N LYS B 24 -5.01 -13.60 -2.54
CA LYS B 24 -5.04 -14.91 -1.92
C LYS B 24 -4.48 -14.94 -0.50
N GLY B 25 -3.58 -14.03 -0.17
CA GLY B 25 -2.96 -14.04 1.14
C GLY B 25 -1.85 -15.09 1.23
N THR B 26 -1.17 -15.30 0.12
CA THR B 26 -0.04 -16.20 0.06
C THR B 26 1.06 -15.46 -0.65
N PRO B 27 2.30 -15.93 -0.53
CA PRO B 27 3.35 -15.40 -1.38
C PRO B 27 3.00 -15.65 -2.85
N ALA B 28 3.60 -14.89 -3.75
CA ALA B 28 3.31 -15.02 -5.18
C ALA B 28 4.36 -15.95 -5.79
N GLY B 29 3.96 -17.19 -6.05
CA GLY B 29 4.87 -18.15 -6.62
C GLY B 29 4.99 -18.03 -8.13
N SER B 30 6.15 -18.46 -8.66
CA SER B 30 6.39 -18.52 -10.08
C SER B 30 6.29 -17.20 -10.82
N VAL B 31 6.74 -16.13 -10.16
CA VAL B 31 6.79 -14.83 -10.80
C VAL B 31 8.14 -14.67 -11.46
N ALA B 32 8.14 -14.38 -12.74
CA ALA B 32 9.39 -14.22 -13.48
C ALA B 32 9.94 -12.82 -13.27
N LEU B 33 11.25 -12.70 -13.12
CA LEU B 33 11.89 -11.41 -12.98
C LEU B 33 13.25 -11.37 -13.69
N LYS B 34 13.67 -10.16 -14.00
CA LYS B 34 14.97 -9.92 -14.62
C LYS B 34 15.61 -8.77 -13.86
N VAL B 35 16.92 -8.89 -13.63
CA VAL B 35 17.68 -7.84 -12.95
C VAL B 35 18.62 -7.22 -13.99
N SER B 36 18.61 -5.90 -14.11
CA SER B 36 19.53 -5.23 -15.04
C SER B 36 20.27 -4.10 -14.34
N GLN B 37 21.49 -3.83 -14.77
CA GLN B 37 22.29 -2.75 -14.22
C GLN B 37 22.40 -1.64 -15.27
N LYS B 38 22.19 -0.41 -14.85
CA LYS B 38 22.32 0.75 -15.72
C LYS B 38 23.78 0.91 -16.15
N THR B 39 23.99 1.21 -17.42
CA THR B 39 25.34 1.38 -17.95
C THR B 39 25.74 2.84 -17.95
N ALA B 40 27.02 3.08 -18.22
CA ALA B 40 27.59 4.43 -18.28
C ALA B 40 26.85 5.34 -19.25
N ASP B 41 26.34 4.79 -20.34
CA ASP B 41 25.66 5.58 -21.35
C ASP B 41 24.16 5.69 -21.09
N GLY B 42 23.71 5.16 -19.96
CA GLY B 42 22.31 5.22 -19.63
C GLY B 42 21.50 4.08 -20.21
N GLY B 43 22.19 3.06 -20.70
CA GLY B 43 21.51 1.86 -21.21
C GLY B 43 21.43 0.85 -20.08
N TRP B 44 21.15 -0.40 -20.41
CA TRP B 44 20.95 -1.46 -19.42
C TRP B 44 21.68 -2.75 -19.80
N THR B 45 22.19 -3.44 -18.80
CA THR B 45 22.82 -4.72 -19.02
C THR B 45 22.19 -5.73 -18.09
N GLN B 46 21.80 -6.87 -18.63
CA GLN B 46 21.15 -7.89 -17.85
C GLN B 46 22.15 -8.69 -17.03
N ILE B 47 21.88 -8.82 -15.74
CA ILE B 47 22.80 -9.56 -14.89
C ILE B 47 22.21 -10.80 -14.26
N ALA B 48 20.89 -10.94 -14.26
CA ALA B 48 20.25 -12.12 -13.70
C ALA B 48 18.78 -12.20 -14.11
N THR B 49 18.30 -13.43 -14.17
CA THR B 49 16.88 -13.68 -14.32
C THR B 49 16.55 -14.81 -13.34
N GLY B 50 15.29 -14.94 -13.01
CA GLY B 50 14.88 -16.01 -12.12
C GLY B 50 13.38 -16.05 -12.00
N VAL B 51 12.89 -16.97 -11.18
CA VAL B 51 11.47 -17.12 -10.93
C VAL B 51 11.27 -17.37 -9.44
N THR B 52 10.30 -16.71 -8.81
CA THR B 52 10.08 -16.92 -7.38
C THR B 52 9.65 -18.34 -7.06
N ASP B 53 10.06 -18.82 -5.89
CA ASP B 53 9.62 -20.12 -5.42
C ASP B 53 8.27 -19.94 -4.77
N ALA B 54 7.80 -20.98 -4.09
CA ALA B 54 6.49 -20.93 -3.46
C ALA B 54 6.43 -19.96 -2.27
N THR B 55 7.58 -19.49 -1.80
CA THR B 55 7.55 -18.52 -0.72
C THR B 55 7.67 -17.09 -1.25
N GLY B 56 7.68 -16.93 -2.58
CA GLY B 56 7.77 -15.61 -3.19
C GLY B 56 9.17 -15.04 -3.20
N GLU B 57 10.16 -15.91 -3.08
CA GLU B 57 11.57 -15.50 -3.00
C GLU B 57 12.42 -16.15 -4.09
N ILE B 58 13.62 -15.60 -4.30
CA ILE B 58 14.59 -16.18 -5.23
C ILE B 58 15.94 -16.19 -4.52
N HIS B 59 16.42 -17.36 -4.20
CA HIS B 59 17.69 -17.48 -3.52
C HIS B 59 18.86 -17.41 -4.49
N ASN B 60 19.94 -16.77 -4.06
CA ASN B 60 21.16 -16.65 -4.86
C ASN B 60 20.92 -16.00 -6.22
N LEU B 61 20.20 -14.90 -6.23
CA LEU B 61 19.90 -14.18 -7.46
C LEU B 61 21.19 -13.69 -8.10
N ILE B 62 22.04 -13.04 -7.29
CA ILE B 62 23.32 -12.53 -7.74
C ILE B 62 24.30 -12.61 -6.58
N THR B 63 25.59 -12.44 -6.85
CA THR B 63 26.61 -12.46 -5.79
C THR B 63 26.99 -11.04 -5.44
N GLU B 64 27.74 -10.86 -4.35
CA GLU B 64 28.15 -9.53 -3.93
C GLU B 64 29.06 -8.90 -4.95
N GLN B 65 29.86 -9.74 -5.58
CA GLN B 65 30.79 -9.29 -6.61
C GLN B 65 30.03 -8.74 -7.81
N GLN B 66 28.87 -9.31 -8.10
CA GLN B 66 28.03 -8.80 -9.20
C GLN B 66 27.17 -7.59 -8.81
N PHE B 67 27.26 -7.11 -7.58
CA PHE B 67 26.36 -6.05 -7.11
C PHE B 67 27.10 -4.81 -6.55
N PRO B 68 27.91 -4.14 -7.37
CA PRO B 68 28.55 -2.90 -6.93
C PRO B 68 27.53 -1.78 -6.88
N ALA B 69 27.86 -0.68 -6.24
CA ALA B 69 26.98 0.47 -6.22
C ALA B 69 26.65 0.88 -7.64
N GLY B 70 25.41 1.32 -7.82
CA GLY B 70 24.95 1.78 -9.10
C GLY B 70 23.45 1.57 -9.21
N VAL B 71 22.88 2.04 -10.30
CA VAL B 71 21.46 1.92 -10.54
C VAL B 71 21.09 0.56 -11.11
N TYR B 72 20.09 -0.08 -10.49
CA TYR B 72 19.54 -1.34 -10.95
C TYR B 72 18.04 -1.23 -11.23
N ARG B 73 17.56 -2.12 -12.09
CA ARG B 73 16.16 -2.23 -12.46
C ARG B 73 15.77 -3.70 -12.31
N VAL B 74 14.77 -3.97 -11.49
CA VAL B 74 14.26 -5.31 -11.38
C VAL B 74 12.88 -5.25 -12.00
N GLU B 75 12.68 -6.04 -13.04
CA GLU B 75 11.42 -6.08 -13.78
C GLU B 75 10.71 -7.35 -13.37
N PHE B 76 9.48 -7.24 -12.90
CA PHE B 76 8.71 -8.39 -12.48
C PHE B 76 7.57 -8.64 -13.45
N ASP B 77 7.42 -9.88 -13.92
CA ASP B 77 6.37 -10.18 -14.89
C ASP B 77 5.05 -10.45 -14.20
N THR B 78 4.48 -9.39 -13.65
CA THR B 78 3.23 -9.47 -12.92
C THR B 78 2.04 -9.72 -13.87
N LYS B 79 2.14 -9.21 -15.10
CA LYS B 79 1.06 -9.42 -16.06
C LYS B 79 0.82 -10.91 -16.29
N ALA B 80 1.90 -11.65 -16.47
CA ALA B 80 1.81 -13.10 -16.69
C ALA B 80 1.28 -13.79 -15.43
N TYR B 81 1.74 -13.35 -14.26
CA TYR B 81 1.26 -13.89 -13.00
C TYR B 81 -0.27 -13.76 -12.92
N TRP B 82 -0.80 -12.57 -13.19
CA TRP B 82 -2.25 -12.37 -13.08
C TRP B 82 -3.03 -13.10 -14.17
N THR B 83 -2.47 -13.10 -15.38
CA THR B 83 -3.06 -13.83 -16.49
C THR B 83 -3.21 -15.31 -16.10
N ASN B 84 -2.12 -15.90 -15.63
CA ASN B 84 -2.13 -17.29 -15.15
C ASN B 84 -3.16 -17.52 -14.03
N GLN B 85 -3.37 -16.55 -13.13
CA GLN B 85 -4.36 -16.70 -12.06
C GLN B 85 -5.82 -16.60 -12.54
N GLY B 86 -6.03 -16.21 -13.80
CA GLY B 86 -7.36 -16.04 -14.34
C GLY B 86 -7.94 -14.65 -14.09
N SER B 87 -7.08 -13.71 -13.71
CA SER B 87 -7.51 -12.35 -13.41
C SER B 87 -7.17 -11.40 -14.55
N THR B 88 -7.57 -10.16 -14.39
CA THR B 88 -7.34 -9.15 -15.38
C THR B 88 -6.40 -8.11 -14.74
N PRO B 89 -5.14 -8.08 -15.12
CA PRO B 89 -4.21 -7.13 -14.53
C PRO B 89 -4.18 -5.80 -15.25
N PHE B 90 -3.76 -4.78 -14.51
CA PHE B 90 -3.59 -3.46 -15.08
C PHE B 90 -2.20 -3.25 -15.68
N HIS B 91 -1.18 -3.55 -14.89
CA HIS B 91 0.18 -3.22 -15.26
C HIS B 91 0.74 -4.18 -16.29
N GLU B 92 1.55 -3.64 -17.19
CA GLU B 92 2.16 -4.44 -18.21
C GLU B 92 3.39 -5.17 -17.64
N VAL B 93 3.96 -4.59 -16.60
CA VAL B 93 5.13 -5.10 -15.90
C VAL B 93 5.23 -4.30 -14.60
N ALA B 94 5.98 -4.82 -13.63
CA ALA B 94 6.29 -4.05 -12.42
C ALA B 94 7.80 -3.82 -12.37
N GLU B 95 8.20 -2.56 -12.40
CA GLU B 95 9.60 -2.21 -12.41
C GLU B 95 10.01 -1.48 -11.15
N VAL B 96 11.09 -1.95 -10.55
CA VAL B 96 11.65 -1.32 -9.37
C VAL B 96 13.05 -0.85 -9.76
N VAL B 97 13.23 0.46 -9.78
CA VAL B 97 14.48 1.07 -10.22
C VAL B 97 15.08 1.83 -9.04
N PHE B 98 16.33 1.54 -8.71
CA PHE B 98 16.96 2.09 -7.51
C PHE B 98 18.48 2.14 -7.59
N ASP B 99 19.07 3.17 -6.96
CA ASP B 99 20.52 3.31 -6.87
C ASP B 99 20.94 2.47 -5.67
N ALA B 100 21.70 1.41 -5.93
CA ALA B 100 22.07 0.49 -4.87
C ALA B 100 23.36 0.95 -4.19
N HIS B 101 23.38 0.94 -2.85
CA HIS B 101 24.57 1.28 -2.07
C HIS B 101 24.86 0.14 -1.13
N PRO B 102 25.58 -0.86 -1.62
CA PRO B 102 25.80 -2.06 -0.82
C PRO B 102 26.96 -1.94 0.15
N GLU B 103 27.74 -0.86 0.06
CA GLU B 103 28.90 -0.70 0.92
C GLU B 103 28.59 -0.85 2.42
N GLY B 104 29.52 -1.45 3.15
CA GLY B 104 29.32 -1.73 4.56
C GLY B 104 28.31 -2.86 4.76
N HIS B 105 28.37 -3.85 3.88
CA HIS B 105 27.55 -5.06 3.95
C HIS B 105 26.05 -4.75 4.12
N ARG B 106 25.55 -3.88 3.25
CA ARG B 106 24.12 -3.55 3.26
C ARG B 106 23.48 -4.43 2.21
N HIS B 107 22.41 -5.11 2.59
CA HIS B 107 21.68 -5.95 1.66
C HIS B 107 20.27 -5.42 1.46
N TYR B 108 19.70 -5.74 0.31
CA TYR B 108 18.42 -5.22 -0.10
C TYR B 108 17.41 -6.34 -0.24
N THR B 109 16.21 -6.09 0.24
CA THR B 109 15.09 -6.98 -0.01
C THR B 109 14.03 -6.12 -0.68
N LEU B 110 13.62 -6.51 -1.87
CA LEU B 110 12.60 -5.80 -2.59
C LEU B 110 11.28 -6.47 -2.26
N ALA B 111 10.47 -5.81 -1.46
CA ALA B 111 9.17 -6.36 -1.11
C ALA B 111 8.16 -5.85 -2.12
N LEU B 112 7.32 -6.75 -2.61
CA LEU B 112 6.36 -6.40 -3.63
C LEU B 112 4.99 -6.99 -3.25
N LEU B 113 3.98 -6.13 -3.13
CA LEU B 113 2.65 -6.55 -2.77
C LEU B 113 1.74 -6.41 -4.00
N LEU B 114 1.21 -7.53 -4.49
CA LEU B 114 0.46 -7.52 -5.74
C LEU B 114 -1.02 -7.71 -5.63
N SER B 115 -1.76 -6.84 -6.30
CA SER B 115 -3.19 -6.94 -6.54
C SER B 115 -3.34 -6.68 -8.06
N PRO B 116 -4.39 -7.18 -8.71
CA PRO B 116 -4.52 -6.98 -10.16
C PRO B 116 -4.38 -5.56 -10.64
N PHE B 117 -4.97 -4.58 -9.94
CA PHE B 117 -4.90 -3.20 -10.35
C PHE B 117 -4.10 -2.32 -9.41
N SER B 118 -3.20 -2.93 -8.63
CA SER B 118 -2.35 -2.16 -7.71
C SER B 118 -1.16 -2.99 -7.24
N TYR B 119 -0.01 -2.36 -7.07
CA TYR B 119 1.09 -3.02 -6.38
C TYR B 119 1.84 -2.02 -5.51
N THR B 120 2.48 -2.55 -4.48
CA THR B 120 3.30 -1.74 -3.60
C THR B 120 4.71 -2.25 -3.68
N THR B 121 5.64 -1.35 -3.97
CA THR B 121 7.06 -1.68 -3.99
C THR B 121 7.74 -0.98 -2.83
N THR B 122 8.28 -1.78 -1.93
CA THR B 122 8.99 -1.30 -0.76
C THR B 122 10.35 -1.96 -0.74
N ALA B 123 11.29 -1.29 -0.10
CA ALA B 123 12.63 -1.81 0.06
C ALA B 123 12.99 -1.86 1.53
N VAL B 124 13.65 -2.95 1.91
CA VAL B 124 14.19 -3.11 3.26
C VAL B 124 15.69 -3.19 3.12
N VAL B 125 16.41 -2.28 3.76
CA VAL B 125 17.85 -2.28 3.71
C VAL B 125 18.34 -2.72 5.10
N SER B 126 19.16 -3.75 5.13
CA SER B 126 19.62 -4.28 6.41
C SER B 126 21.11 -4.51 6.37
N SER B 127 21.74 -4.42 7.55
CA SER B 127 23.16 -4.65 7.69
C SER B 127 23.40 -6.13 7.94
N VAL B 128 22.35 -6.92 7.74
CA VAL B 128 22.40 -8.37 7.88
C VAL B 128 23.31 -8.82 9.01
N PRO C 14 -16.29 18.04 6.30
CA PRO C 14 -15.00 17.92 7.04
C PRO C 14 -14.41 16.52 6.99
N LEU C 15 -15.26 15.51 7.09
CA LEU C 15 -14.85 14.13 6.91
C LEU C 15 -15.34 13.51 5.60
N MET C 16 -14.42 13.07 4.76
CA MET C 16 -14.74 12.43 3.49
C MET C 16 -14.02 11.09 3.43
N VAL C 17 -14.53 10.18 2.59
CA VAL C 17 -13.88 8.89 2.37
C VAL C 17 -13.81 8.62 0.86
N LYS C 18 -12.80 7.86 0.48
CA LYS C 18 -12.63 7.42 -0.89
C LYS C 18 -12.14 5.99 -0.77
N ILE C 19 -13.01 5.05 -1.15
CA ILE C 19 -12.68 3.64 -1.06
C ILE C 19 -12.50 3.05 -2.46
N LEU C 20 -11.33 2.46 -2.69
CA LEU C 20 -11.02 1.88 -3.99
C LEU C 20 -10.86 0.39 -3.88
N ASP C 21 -11.25 -0.30 -4.93
CA ASP C 21 -11.14 -1.73 -5.02
C ASP C 21 -9.91 -2.02 -5.90
N ALA C 22 -8.88 -2.60 -5.28
CA ALA C 22 -7.58 -2.86 -5.93
C ALA C 22 -7.59 -4.09 -6.83
N VAL C 23 -8.67 -4.86 -6.79
CA VAL C 23 -8.86 -5.98 -7.67
C VAL C 23 -9.49 -5.49 -8.99
N LYS C 24 -10.55 -4.69 -8.89
CA LYS C 24 -11.27 -4.22 -10.07
C LYS C 24 -10.74 -2.92 -10.68
N GLY C 25 -10.05 -2.08 -9.93
CA GLY C 25 -9.64 -0.80 -10.48
C GLY C 25 -10.81 0.17 -10.59
N THR C 26 -11.77 0.03 -9.69
CA THR C 26 -12.87 0.96 -9.58
C THR C 26 -13.07 1.29 -8.12
N PRO C 27 -13.84 2.33 -7.83
CA PRO C 27 -14.25 2.59 -6.44
C PRO C 27 -15.03 1.41 -5.84
N ALA C 28 -15.02 1.33 -4.52
CA ALA C 28 -15.74 0.28 -3.83
C ALA C 28 -17.10 0.84 -3.41
N GLY C 29 -18.15 0.47 -4.15
CA GLY C 29 -19.48 0.95 -3.85
C GLY C 29 -20.21 0.07 -2.84
N SER C 30 -21.23 0.66 -2.21
CA SER C 30 -22.06 -0.03 -1.20
C SER C 30 -21.29 -0.53 0.01
N VAL C 31 -20.25 0.19 0.43
CA VAL C 31 -19.51 -0.23 1.61
C VAL C 31 -20.11 0.46 2.83
N ALA C 32 -20.59 -0.33 3.78
CA ALA C 32 -21.20 0.24 4.99
C ALA C 32 -20.11 0.73 5.93
N LEU C 33 -20.36 1.87 6.56
CA LEU C 33 -19.44 2.38 7.55
C LEU C 33 -20.18 3.11 8.68
N LYS C 34 -19.46 3.26 9.79
CA LYS C 34 -19.99 3.97 10.94
C LYS C 34 -18.87 4.81 11.51
N VAL C 35 -19.22 6.02 11.95
CA VAL C 35 -18.29 6.98 12.52
C VAL C 35 -18.59 7.14 13.99
N SER C 36 -17.59 6.92 14.83
CA SER C 36 -17.75 7.05 16.27
C SER C 36 -16.75 8.06 16.82
N GLN C 37 -17.13 8.69 17.93
CA GLN C 37 -16.32 9.71 18.58
C GLN C 37 -15.93 9.20 19.96
N LYS C 38 -14.67 9.35 20.31
CA LYS C 38 -14.17 8.88 21.60
C LYS C 38 -14.73 9.74 22.72
N THR C 39 -15.23 9.09 23.77
CA THR C 39 -15.79 9.77 24.91
C THR C 39 -14.77 9.92 26.03
N ALA C 40 -15.05 10.82 26.95
CA ALA C 40 -14.21 11.09 28.11
C ALA C 40 -13.62 9.84 28.74
N ASP C 41 -14.48 8.89 29.09
CA ASP C 41 -14.07 7.70 29.82
C ASP C 41 -13.42 6.62 28.96
N GLY C 42 -13.05 6.98 27.74
CA GLY C 42 -12.39 6.05 26.84
C GLY C 42 -13.34 5.20 26.01
N GLY C 43 -14.64 5.52 26.07
CA GLY C 43 -15.63 4.78 25.30
C GLY C 43 -15.91 5.44 23.95
N TRP C 44 -16.91 4.95 23.24
CA TRP C 44 -17.26 5.49 21.93
C TRP C 44 -18.72 5.90 21.81
N THR C 45 -18.96 6.97 21.05
CA THR C 45 -20.33 7.38 20.76
C THR C 45 -20.52 7.47 19.24
N GLN C 46 -21.59 6.87 18.75
CA GLN C 46 -21.86 6.84 17.31
C GLN C 46 -22.38 8.19 16.86
N ILE C 47 -21.74 8.77 15.84
CA ILE C 47 -22.20 10.07 15.37
C ILE C 47 -22.82 9.99 13.98
N ALA C 48 -22.49 8.95 13.21
CA ALA C 48 -23.05 8.81 11.88
C ALA C 48 -22.83 7.41 11.31
N THR C 49 -23.70 7.01 10.40
CA THR C 49 -23.53 5.78 9.64
C THR C 49 -23.82 6.15 8.20
N GLY C 50 -23.42 5.29 7.28
CA GLY C 50 -23.64 5.55 5.87
C GLY C 50 -23.14 4.40 5.01
N VAL C 51 -23.30 4.55 3.70
CA VAL C 51 -22.91 3.53 2.75
C VAL C 51 -22.33 4.24 1.55
N THR C 52 -21.19 3.79 1.06
CA THR C 52 -20.60 4.48 -0.09
C THR C 52 -21.51 4.36 -1.28
N ASP C 53 -21.48 5.39 -2.11
CA ASP C 53 -22.16 5.38 -3.38
C ASP C 53 -21.20 4.70 -4.35
N ALA C 54 -21.56 4.72 -5.62
CA ALA C 54 -20.82 4.03 -6.67
C ALA C 54 -19.41 4.60 -6.89
N THR C 55 -19.18 5.82 -6.43
CA THR C 55 -17.87 6.44 -6.57
C THR C 55 -17.01 6.17 -5.33
N GLY C 56 -17.50 5.33 -4.43
CA GLY C 56 -16.78 4.96 -3.23
C GLY C 56 -16.66 6.09 -2.22
N GLU C 57 -17.60 7.03 -2.26
CA GLU C 57 -17.61 8.18 -1.36
C GLU C 57 -18.92 8.25 -0.61
N ILE C 58 -18.99 9.11 0.41
CA ILE C 58 -20.24 9.36 1.13
C ILE C 58 -20.35 10.87 1.33
N HIS C 59 -21.37 11.48 0.74
CA HIS C 59 -21.50 12.91 0.83
C HIS C 59 -22.34 13.32 2.01
N ASN C 60 -21.94 14.41 2.65
CA ASN C 60 -22.64 14.94 3.82
C ASN C 60 -22.72 13.87 4.90
N LEU C 61 -21.56 13.28 5.20
CA LEU C 61 -21.46 12.23 6.21
C LEU C 61 -21.75 12.81 7.60
N ILE C 62 -21.07 13.90 7.91
CA ILE C 62 -21.29 14.62 9.16
C ILE C 62 -21.12 16.11 8.85
N THR C 63 -21.52 16.96 9.79
CA THR C 63 -21.36 18.40 9.61
C THR C 63 -20.22 18.91 10.49
N GLU C 64 -19.84 20.15 10.25
CA GLU C 64 -18.75 20.79 10.96
C GLU C 64 -18.96 20.76 12.48
N GLN C 65 -20.18 21.07 12.91
CA GLN C 65 -20.49 21.11 14.33
C GLN C 65 -20.50 19.72 14.94
N GLN C 66 -20.70 18.71 14.09
CA GLN C 66 -20.75 17.33 14.55
C GLN C 66 -19.35 16.75 14.60
N PHE C 67 -18.38 17.52 14.10
CA PHE C 67 -16.99 17.06 14.00
C PHE C 67 -16.00 17.98 14.73
N PRO C 68 -16.08 18.04 16.05
CA PRO C 68 -15.13 18.83 16.85
C PRO C 68 -13.88 18.04 17.17
N ALA C 69 -12.82 18.72 17.59
CA ALA C 69 -11.56 18.06 17.92
C ALA C 69 -11.82 16.86 18.82
N GLY C 70 -11.02 15.82 18.65
CA GLY C 70 -11.14 14.61 19.44
C GLY C 70 -10.71 13.41 18.63
N VAL C 71 -10.73 12.24 19.25
CA VAL C 71 -10.35 11.01 18.57
C VAL C 71 -11.58 10.38 17.95
N TYR C 72 -11.48 10.00 16.67
CA TYR C 72 -12.58 9.37 15.96
C TYR C 72 -12.21 8.00 15.47
N ARG C 73 -13.23 7.20 15.25
CA ARG C 73 -13.07 5.87 14.73
C ARG C 73 -14.08 5.67 13.60
N VAL C 74 -13.58 5.27 12.44
CA VAL C 74 -14.45 4.99 11.31
C VAL C 74 -14.26 3.50 11.01
N GLU C 75 -15.36 2.77 11.12
CA GLU C 75 -15.38 1.33 10.86
C GLU C 75 -15.99 1.10 9.48
N PHE C 76 -15.31 0.34 8.63
CA PHE C 76 -15.77 0.03 7.28
C PHE C 76 -16.09 -1.44 7.23
N ASP C 77 -17.26 -1.78 6.72
CA ASP C 77 -17.65 -3.17 6.66
C ASP C 77 -17.08 -3.75 5.38
N THR C 78 -15.78 -4.05 5.40
CA THR C 78 -15.10 -4.60 4.24
C THR C 78 -15.41 -6.06 4.04
N LYS C 79 -15.68 -6.79 5.13
CA LYS C 79 -16.02 -8.22 5.03
C LYS C 79 -17.24 -8.42 4.16
N ALA C 80 -18.29 -7.61 4.39
CA ALA C 80 -19.52 -7.70 3.61
C ALA C 80 -19.26 -7.37 2.14
N TYR C 81 -18.44 -6.35 1.92
CA TYR C 81 -18.07 -5.93 0.56
C TYR C 81 -17.45 -7.07 -0.23
N TRP C 82 -16.46 -7.74 0.35
CA TRP C 82 -15.81 -8.86 -0.32
C TRP C 82 -16.76 -10.04 -0.50
N THR C 83 -17.54 -10.35 0.54
CA THR C 83 -18.55 -11.40 0.45
C THR C 83 -19.51 -11.17 -0.71
N ASN C 84 -20.04 -9.95 -0.83
CA ASN C 84 -20.96 -9.62 -1.93
C ASN C 84 -20.25 -9.71 -3.28
N GLN C 85 -18.94 -9.49 -3.28
CA GLN C 85 -18.17 -9.58 -4.52
C GLN C 85 -17.77 -11.03 -4.84
N GLY C 86 -18.06 -11.97 -3.95
CA GLY C 86 -17.72 -13.37 -4.17
C GLY C 86 -16.36 -13.80 -3.68
N SER C 87 -15.67 -12.92 -2.95
CA SER C 87 -14.35 -13.25 -2.42
C SER C 87 -14.45 -13.53 -0.94
N THR C 88 -13.49 -14.28 -0.42
CA THR C 88 -13.43 -14.52 1.00
C THR C 88 -12.27 -13.67 1.49
N PRO C 89 -12.58 -12.68 2.32
CA PRO C 89 -11.56 -11.75 2.79
C PRO C 89 -10.92 -12.15 4.10
N PHE C 90 -9.82 -11.50 4.40
CA PHE C 90 -9.11 -11.77 5.63
C PHE C 90 -9.70 -11.03 6.81
N HIS C 91 -9.86 -9.71 6.64
CA HIS C 91 -10.22 -8.86 7.76
C HIS C 91 -11.71 -8.94 8.06
N GLU C 92 -12.03 -8.86 9.35
CA GLU C 92 -13.42 -8.93 9.79
C GLU C 92 -14.07 -7.56 9.60
N VAL C 93 -13.22 -6.52 9.57
CA VAL C 93 -13.65 -5.14 9.45
C VAL C 93 -12.37 -4.35 9.22
N ALA C 94 -12.50 -3.13 8.72
CA ALA C 94 -11.37 -2.22 8.62
C ALA C 94 -11.70 -0.99 9.47
N GLU C 95 -10.88 -0.74 10.49
CA GLU C 95 -11.09 0.38 11.40
C GLU C 95 -10.00 1.44 11.22
N VAL C 96 -10.41 2.70 11.15
CA VAL C 96 -9.50 3.82 11.04
C VAL C 96 -9.72 4.71 12.26
N VAL C 97 -8.71 4.81 13.12
CA VAL C 97 -8.80 5.56 14.38
C VAL C 97 -7.73 6.65 14.38
N PHE C 98 -8.16 7.89 14.62
CA PHE C 98 -7.29 9.04 14.47
C PHE C 98 -7.72 10.24 15.30
N ASP C 99 -6.76 11.10 15.64
CA ASP C 99 -7.03 12.36 16.34
C ASP C 99 -7.42 13.41 15.30
N ALA C 100 -8.57 14.03 15.47
CA ALA C 100 -9.03 15.05 14.53
C ALA C 100 -8.88 16.44 15.12
N HIS C 101 -8.37 17.36 14.30
CA HIS C 101 -8.21 18.76 14.67
C HIS C 101 -8.79 19.60 13.53
N PRO C 102 -10.12 19.70 13.48
CA PRO C 102 -10.82 20.37 12.39
C PRO C 102 -10.93 21.88 12.53
N GLU C 103 -10.00 22.48 13.26
CA GLU C 103 -10.06 23.92 13.48
C GLU C 103 -9.57 24.66 12.24
N GLY C 104 -10.42 25.55 11.76
CA GLY C 104 -10.14 26.29 10.55
C GLY C 104 -10.91 25.66 9.40
N HIS C 105 -10.22 25.42 8.29
CA HIS C 105 -10.83 24.83 7.11
C HIS C 105 -10.53 23.33 7.04
N ARG C 106 -9.66 22.87 7.93
CA ARG C 106 -9.17 21.50 7.90
C ARG C 106 -10.24 20.45 7.56
N HIS C 107 -10.09 19.84 6.40
CA HIS C 107 -10.96 18.75 5.95
C HIS C 107 -10.15 17.46 5.97
N TYR C 108 -10.81 16.34 6.25
CA TYR C 108 -10.16 15.04 6.30
C TYR C 108 -10.72 14.09 5.25
N THR C 109 -9.83 13.50 4.46
CA THR C 109 -10.23 12.45 3.54
C THR C 109 -9.56 11.16 3.98
N LEU C 110 -10.38 10.14 4.22
CA LEU C 110 -9.88 8.83 4.56
C LEU C 110 -9.84 7.98 3.30
N ALA C 111 -8.65 7.76 2.78
CA ALA C 111 -8.53 6.95 1.58
C ALA C 111 -8.32 5.51 2.00
N LEU C 112 -9.06 4.60 1.37
CA LEU C 112 -9.00 3.20 1.76
C LEU C 112 -8.87 2.36 0.48
N LEU C 113 -7.77 1.61 0.39
CA LEU C 113 -7.48 0.77 -0.76
C LEU C 113 -7.71 -0.70 -0.38
N LEU C 114 -8.66 -1.35 -1.02
CA LEU C 114 -9.01 -2.72 -0.62
C LEU C 114 -8.63 -3.86 -1.55
N SER C 115 -8.02 -4.88 -0.96
CA SER C 115 -7.87 -6.18 -1.60
C SER C 115 -8.39 -7.19 -0.56
N PRO C 116 -8.77 -8.39 -0.98
CA PRO C 116 -9.28 -9.40 -0.04
C PRO C 116 -8.37 -9.70 1.17
N PHE C 117 -7.06 -9.72 0.97
CA PHE C 117 -6.11 -10.01 2.05
C PHE C 117 -5.21 -8.87 2.44
N SER C 118 -5.61 -7.65 2.09
CA SER C 118 -4.84 -6.45 2.42
C SER C 118 -5.66 -5.17 2.24
N TYR C 119 -5.44 -4.20 3.11
CA TYR C 119 -5.93 -2.86 2.86
C TYR C 119 -4.93 -1.84 3.32
N THR C 120 -5.03 -0.66 2.73
CA THR C 120 -4.18 0.47 3.02
C THR C 120 -5.08 1.63 3.43
N THR C 121 -4.83 2.18 4.61
CA THR C 121 -5.57 3.32 5.11
C THR C 121 -4.64 4.52 5.10
N THR C 122 -5.01 5.53 4.34
CA THR C 122 -4.25 6.76 4.21
C THR C 122 -5.15 7.93 4.54
N ALA C 123 -4.55 9.03 4.94
CA ALA C 123 -5.32 10.21 5.27
C ALA C 123 -4.78 11.38 4.47
N VAL C 124 -5.69 12.15 3.90
CA VAL C 124 -5.33 13.42 3.28
C VAL C 124 -6.00 14.51 4.09
N VAL C 125 -5.19 15.38 4.70
CA VAL C 125 -5.69 16.43 5.57
C VAL C 125 -5.32 17.80 5.01
N SER C 126 -6.34 18.56 4.63
CA SER C 126 -6.14 19.89 4.05
C SER C 126 -5.79 20.88 5.14
N SER C 127 -4.99 21.88 4.80
CA SER C 127 -4.61 22.87 5.78
C SER C 127 -5.70 23.94 5.84
N VAL C 128 -5.35 25.10 6.38
CA VAL C 128 -6.29 26.20 6.52
C VAL C 128 -5.79 27.44 5.79
N CYS D 13 4.80 -21.08 16.48
CA CYS D 13 4.54 -19.63 16.21
C CYS D 13 3.43 -19.47 15.19
N PRO D 14 2.19 -19.71 15.62
CA PRO D 14 1.02 -19.63 14.73
C PRO D 14 0.58 -18.20 14.42
N LEU D 15 1.05 -17.23 15.20
CA LEU D 15 0.74 -15.83 14.94
C LEU D 15 2.04 -15.03 14.96
N MET D 16 2.41 -14.54 13.78
CA MET D 16 3.63 -13.76 13.62
C MET D 16 3.30 -12.38 13.06
N VAL D 17 4.19 -11.44 13.30
CA VAL D 17 4.05 -10.10 12.79
C VAL D 17 5.36 -9.71 12.09
N LYS D 18 5.26 -8.81 11.11
CA LYS D 18 6.41 -8.25 10.42
C LYS D 18 6.06 -6.80 10.13
N ILE D 19 6.67 -5.89 10.87
CA ILE D 19 6.37 -4.48 10.71
C ILE D 19 7.53 -3.78 10.03
N LEU D 20 7.24 -3.06 8.94
CA LEU D 20 8.26 -2.32 8.19
C LEU D 20 7.96 -0.85 8.28
N ASP D 21 9.03 -0.08 8.32
CA ASP D 21 9.00 1.37 8.31
C ASP D 21 9.22 1.81 6.86
N ALA D 22 8.19 2.38 6.23
CA ALA D 22 8.28 2.79 4.84
C ALA D 22 9.04 4.09 4.62
N VAL D 23 9.36 4.81 5.69
CA VAL D 23 10.17 6.02 5.57
C VAL D 23 11.65 5.65 5.56
N LYS D 24 12.05 4.87 6.56
CA LYS D 24 13.44 4.48 6.74
C LYS D 24 13.86 3.28 5.91
N GLY D 25 12.92 2.45 5.51
CA GLY D 25 13.25 1.21 4.80
C GLY D 25 13.92 0.20 5.70
N THR D 26 13.48 0.14 6.95
CA THR D 26 13.99 -0.81 7.91
C THR D 26 12.77 -1.37 8.62
N PRO D 27 12.89 -2.53 9.26
CA PRO D 27 11.78 -3.02 10.09
C PRO D 27 11.51 -2.00 11.19
N ALA D 28 10.31 -2.02 11.75
CA ALA D 28 9.94 -1.05 12.78
C ALA D 28 10.20 -1.71 14.13
N GLY D 29 11.26 -1.27 14.81
CA GLY D 29 11.64 -1.85 16.08
C GLY D 29 10.94 -1.20 17.26
N SER D 30 10.70 -1.97 18.30
CA SER D 30 10.08 -1.49 19.52
C SER D 30 8.65 -1.00 19.35
N VAL D 31 7.86 -1.68 18.52
CA VAL D 31 6.46 -1.35 18.37
C VAL D 31 5.65 -2.17 19.37
N ALA D 32 4.92 -1.51 20.26
CA ALA D 32 4.13 -2.22 21.25
C ALA D 32 2.85 -2.74 20.62
N LEU D 33 2.52 -3.98 20.89
CA LEU D 33 1.29 -4.53 20.36
C LEU D 33 0.62 -5.42 21.41
N LYS D 34 -0.65 -5.71 21.18
CA LYS D 34 -1.38 -6.57 22.07
C LYS D 34 -2.35 -7.37 21.22
N VAL D 35 -2.63 -8.58 21.67
CA VAL D 35 -3.50 -9.49 20.96
C VAL D 35 -4.69 -9.77 21.86
N SER D 36 -5.90 -9.63 21.31
CA SER D 36 -7.13 -9.89 22.07
C SER D 36 -7.97 -10.91 21.31
N GLN D 37 -8.74 -11.69 22.04
CA GLN D 37 -9.62 -12.69 21.46
C GLN D 37 -11.07 -12.29 21.76
N LYS D 38 -11.94 -12.42 20.78
CA LYS D 38 -13.35 -12.08 20.97
C LYS D 38 -14.04 -13.14 21.85
N THR D 39 -14.73 -12.69 22.90
CA THR D 39 -15.38 -13.63 23.81
C THR D 39 -16.83 -13.88 23.42
N ALA D 40 -17.44 -14.86 24.09
CA ALA D 40 -18.82 -15.26 23.82
C ALA D 40 -19.84 -14.11 23.83
N ASP D 41 -19.66 -13.14 24.71
CA ASP D 41 -20.61 -12.03 24.79
C ASP D 41 -20.26 -10.88 23.85
N GLY D 42 -19.30 -11.10 22.96
CA GLY D 42 -18.91 -10.06 22.00
C GLY D 42 -17.82 -9.10 22.47
N GLY D 43 -17.36 -9.25 23.71
CA GLY D 43 -16.31 -8.41 24.24
C GLY D 43 -14.92 -8.92 23.85
N TRP D 44 -13.88 -8.28 24.38
CA TRP D 44 -12.53 -8.66 24.03
C TRP D 44 -11.73 -9.03 25.27
N THR D 45 -10.95 -10.10 25.16
CA THR D 45 -10.05 -10.49 26.22
C THR D 45 -8.61 -10.53 25.71
N GLN D 46 -7.74 -9.81 26.40
CA GLN D 46 -6.33 -9.70 26.02
C GLN D 46 -5.59 -11.00 26.36
N ILE D 47 -4.92 -11.59 25.37
CA ILE D 47 -4.24 -12.87 25.60
C ILE D 47 -2.72 -12.78 25.52
N ALA D 48 -2.22 -11.67 24.99
CA ALA D 48 -0.78 -11.46 24.93
C ALA D 48 -0.46 -10.02 24.60
N THR D 49 0.76 -9.62 24.97
CA THR D 49 1.33 -8.34 24.60
C THR D 49 2.79 -8.59 24.30
N GLY D 50 3.41 -7.63 23.63
CA GLY D 50 4.80 -7.78 23.28
C GLY D 50 5.26 -6.53 22.57
N VAL D 51 6.55 -6.50 22.25
CA VAL D 51 7.15 -5.38 21.59
C VAL D 51 8.02 -5.99 20.50
N THR D 52 8.05 -5.38 19.31
CA THR D 52 8.84 -5.95 18.24
C THR D 52 10.31 -5.72 18.47
N ASP D 53 11.10 -6.71 18.04
CA ASP D 53 12.55 -6.58 18.11
C ASP D 53 13.01 -5.72 16.95
N ALA D 54 14.32 -5.64 16.76
CA ALA D 54 14.90 -4.81 15.71
C ALA D 54 14.57 -5.32 14.32
N THR D 55 14.03 -6.53 14.23
CA THR D 55 13.65 -7.09 12.94
C THR D 55 12.17 -6.91 12.65
N GLY D 56 11.47 -6.21 13.52
CA GLY D 56 10.06 -5.92 13.32
C GLY D 56 9.17 -7.10 13.61
N GLU D 57 9.71 -8.07 14.36
CA GLU D 57 8.99 -9.30 14.67
C GLU D 57 8.83 -9.48 16.16
N ILE D 58 8.01 -10.45 16.55
CA ILE D 58 7.86 -10.84 17.94
C ILE D 58 7.81 -12.36 17.97
N HIS D 59 8.85 -12.97 18.50
CA HIS D 59 8.90 -14.42 18.55
C HIS D 59 8.16 -14.94 19.77
N ASN D 60 7.48 -16.08 19.59
CA ASN D 60 6.73 -16.71 20.67
C ASN D 60 5.72 -15.79 21.30
N LEU D 61 4.97 -15.11 20.44
CA LEU D 61 3.96 -14.17 20.86
C LEU D 61 2.88 -14.93 21.62
N ILE D 62 2.41 -16.01 21.04
CA ILE D 62 1.42 -16.88 21.64
C ILE D 62 1.71 -18.31 21.19
N THR D 63 1.09 -19.28 21.86
CA THR D 63 1.28 -20.69 21.52
C THR D 63 0.03 -21.21 20.84
N GLU D 64 0.15 -22.38 20.21
CA GLU D 64 -1.00 -23.00 19.56
C GLU D 64 -2.14 -23.16 20.55
N GLN D 65 -1.79 -23.46 21.82
CA GLN D 65 -2.78 -23.66 22.87
C GLN D 65 -3.64 -22.41 23.05
N GLN D 66 -3.01 -21.25 22.99
CA GLN D 66 -3.71 -19.98 23.17
C GLN D 66 -4.44 -19.51 21.91
N PHE D 67 -4.27 -20.23 20.80
CA PHE D 67 -4.78 -19.72 19.53
C PHE D 67 -5.84 -20.62 18.88
N PRO D 68 -6.94 -20.88 19.57
CA PRO D 68 -8.01 -21.66 18.97
C PRO D 68 -8.81 -20.83 17.98
N ALA D 69 -9.61 -21.50 17.16
CA ALA D 69 -10.44 -20.80 16.21
C ALA D 69 -11.20 -19.67 16.90
N GLY D 70 -11.41 -18.57 16.18
CA GLY D 70 -12.14 -17.43 16.71
C GLY D 70 -11.74 -16.13 16.02
N VAL D 71 -12.29 -15.03 16.52
CA VAL D 71 -11.99 -13.71 15.99
C VAL D 71 -10.94 -13.10 16.88
N TYR D 72 -9.92 -12.51 16.28
CA TYR D 72 -8.82 -11.90 17.02
C TYR D 72 -8.59 -10.47 16.60
N ARG D 73 -7.98 -9.72 17.50
CA ARG D 73 -7.66 -8.32 17.25
C ARG D 73 -6.22 -8.09 17.66
N VAL D 74 -5.42 -7.62 16.72
CA VAL D 74 -4.06 -7.23 17.03
C VAL D 74 -4.01 -5.72 16.89
N GLU D 75 -3.65 -5.08 17.98
CA GLU D 75 -3.55 -3.63 18.06
C GLU D 75 -2.08 -3.22 18.19
N PHE D 76 -1.64 -2.36 17.29
CA PHE D 76 -0.26 -1.90 17.23
C PHE D 76 -0.21 -0.44 17.63
N ASP D 77 0.66 -0.10 18.57
CA ASP D 77 0.82 1.28 19.00
C ASP D 77 1.73 2.04 18.04
N THR D 78 1.16 2.38 16.90
CA THR D 78 1.91 3.08 15.86
C THR D 78 2.16 4.53 16.24
N LYS D 79 1.26 5.12 17.01
CA LYS D 79 1.42 6.52 17.39
C LYS D 79 2.73 6.72 18.16
N ALA D 80 2.95 5.89 19.18
CA ALA D 80 4.15 5.96 20.01
C ALA D 80 5.39 5.76 19.14
N TYR D 81 5.28 4.84 18.19
CA TYR D 81 6.40 4.58 17.29
C TYR D 81 6.76 5.87 16.52
N TRP D 82 5.78 6.57 15.96
CA TRP D 82 6.07 7.77 15.17
C TRP D 82 6.52 8.93 16.05
N THR D 83 5.86 9.09 17.19
CA THR D 83 6.19 10.11 18.17
C THR D 83 7.64 9.97 18.60
N ASN D 84 8.10 8.74 18.74
CA ASN D 84 9.48 8.47 19.15
C ASN D 84 10.49 8.73 18.00
N GLN D 85 10.04 8.56 16.76
CA GLN D 85 10.85 8.81 15.58
C GLN D 85 10.92 10.29 15.24
N GLY D 86 10.05 11.09 15.87
CA GLY D 86 10.00 12.53 15.66
C GLY D 86 8.92 13.00 14.69
N SER D 87 8.04 12.09 14.25
CA SER D 87 6.99 12.38 13.28
C SER D 87 5.62 12.51 13.93
N THR D 88 4.80 13.41 13.42
CA THR D 88 3.45 13.53 13.93
C THR D 88 2.63 12.64 13.02
N PRO D 89 2.05 11.57 13.55
CA PRO D 89 1.27 10.64 12.72
C PRO D 89 -0.22 10.90 12.72
N PHE D 90 -0.90 10.25 11.78
CA PHE D 90 -2.34 10.40 11.65
C PHE D 90 -3.09 9.48 12.61
N HIS D 91 -2.76 8.21 12.56
CA HIS D 91 -3.51 7.19 13.30
C HIS D 91 -3.16 7.12 14.78
N GLU D 92 -4.17 6.89 15.61
CA GLU D 92 -3.92 6.66 17.03
C GLU D 92 -3.30 5.29 17.24
N VAL D 93 -3.64 4.35 16.37
CA VAL D 93 -3.29 2.98 16.58
C VAL D 93 -3.57 2.26 15.27
N ALA D 94 -3.00 1.07 15.09
CA ALA D 94 -3.29 0.25 13.92
C ALA D 94 -3.98 -1.01 14.41
N GLU D 95 -5.18 -1.23 13.89
CA GLU D 95 -5.98 -2.36 14.29
C GLU D 95 -6.14 -3.40 13.20
N VAL D 96 -5.83 -4.65 13.51
CA VAL D 96 -6.02 -5.73 12.57
C VAL D 96 -6.99 -6.74 13.17
N VAL D 97 -8.17 -6.89 12.56
CA VAL D 97 -9.21 -7.78 13.10
C VAL D 97 -9.54 -8.87 12.09
N PHE D 98 -9.50 -10.13 12.53
CA PHE D 98 -9.69 -11.26 11.63
C PHE D 98 -10.17 -12.55 12.31
N ASP D 99 -10.82 -13.40 11.53
CA ASP D 99 -11.26 -14.70 11.99
C ASP D 99 -10.08 -15.63 11.80
N ALA D 100 -9.75 -16.40 12.82
CA ALA D 100 -8.63 -17.32 12.70
C ALA D 100 -9.13 -18.77 12.62
N HIS D 101 -8.48 -19.55 11.77
CA HIS D 101 -8.72 -20.98 11.67
C HIS D 101 -7.35 -21.66 11.68
N PRO D 102 -6.70 -21.68 12.83
CA PRO D 102 -5.33 -22.22 12.95
C PRO D 102 -5.26 -23.73 13.09
N GLU D 103 -6.42 -24.37 13.18
CA GLU D 103 -6.50 -25.80 13.37
C GLU D 103 -5.88 -26.44 12.15
N GLY D 104 -4.73 -27.10 12.32
CA GLY D 104 -4.02 -27.72 11.22
C GLY D 104 -2.65 -27.11 10.96
N HIS D 105 -2.01 -26.60 12.02
CA HIS D 105 -0.70 -25.97 11.94
C HIS D 105 -0.67 -24.82 10.93
N ARG D 106 -1.80 -24.14 10.84
CA ARG D 106 -1.97 -22.97 9.98
C ARG D 106 -1.32 -21.75 10.61
N HIS D 107 -0.26 -21.24 9.97
CA HIS D 107 0.44 -20.05 10.45
C HIS D 107 -0.22 -18.78 9.91
N TYR D 108 -0.18 -17.72 10.71
CA TYR D 108 -0.67 -16.41 10.30
C TYR D 108 0.47 -15.41 10.49
N THR D 109 0.79 -14.67 9.43
CA THR D 109 1.73 -13.56 9.52
C THR D 109 1.01 -12.27 9.16
N LEU D 110 1.04 -11.32 10.07
CA LEU D 110 0.41 -10.03 9.88
C LEU D 110 1.50 -9.07 9.44
N ALA D 111 1.53 -8.74 8.15
CA ALA D 111 2.51 -7.79 7.65
C ALA D 111 1.92 -6.40 7.77
N LEU D 112 2.73 -5.47 8.27
CA LEU D 112 2.25 -4.13 8.47
C LEU D 112 3.33 -3.17 7.98
N LEU D 113 2.94 -2.32 7.06
CA LEU D 113 3.82 -1.33 6.47
C LEU D 113 3.42 0.06 6.97
N LEU D 114 4.35 0.74 7.62
CA LEU D 114 4.05 2.01 8.27
C LEU D 114 4.64 3.28 7.66
N SER D 115 3.78 4.28 7.49
CA SER D 115 4.15 5.66 7.22
C SER D 115 3.33 6.53 8.19
N PRO D 116 3.80 7.74 8.50
CA PRO D 116 3.07 8.60 9.43
C PRO D 116 1.59 8.80 9.09
N PHE D 117 1.24 8.90 7.81
CA PHE D 117 -0.15 9.12 7.43
C PHE D 117 -0.75 7.97 6.64
N SER D 118 -0.14 6.80 6.70
CA SER D 118 -0.66 5.62 5.99
C SER D 118 -0.12 4.34 6.60
N TYR D 119 -0.93 3.28 6.62
CA TYR D 119 -0.37 1.95 6.88
C TYR D 119 -1.12 0.93 6.03
N THR D 120 -0.43 -0.18 5.79
CA THR D 120 -1.00 -1.29 5.05
C THR D 120 -0.96 -2.49 5.93
N THR D 121 -2.10 -3.15 6.08
CA THR D 121 -2.18 -4.38 6.82
C THR D 121 -2.48 -5.50 5.83
N THR D 122 -1.52 -6.41 5.67
CA THR D 122 -1.69 -7.56 4.78
C THR D 122 -1.57 -8.81 5.60
N ALA D 123 -2.18 -9.88 5.13
CA ALA D 123 -2.04 -11.13 5.83
C ALA D 123 -1.50 -12.19 4.89
N VAL D 124 -0.63 -13.02 5.42
CA VAL D 124 -0.11 -14.17 4.71
C VAL D 124 -0.47 -15.36 5.57
N VAL D 125 -1.25 -16.27 5.01
CA VAL D 125 -1.77 -17.41 5.74
C VAL D 125 -1.22 -18.69 5.12
N SER D 126 -0.36 -19.36 5.87
CA SER D 126 0.30 -20.57 5.42
C SER D 126 -0.42 -21.79 5.97
S SO4 E . -16.83 5.73 -16.83
O1 SO4 E . -16.33 6.53 -15.71
O2 SO4 E . -16.90 4.34 -16.44
O3 SO4 E . -18.17 6.20 -17.15
O4 SO4 E . -15.96 5.86 -17.99
C1 T44 F . 9.95 -12.69 4.19
C2 T44 F . 10.66 -11.48 4.02
C3 T44 F . 10.00 -10.29 4.22
C4 T44 F . 8.61 -10.36 4.57
C5 T44 F . 7.86 -11.61 4.74
C6 T44 F . 8.59 -12.76 4.54
C7 T44 F . 10.67 -14.00 3.98
CA T44 F . 10.89 -14.70 5.31
C T44 F . 10.16 -16.02 5.41
C1' T44 F . 7.26 -8.53 4.09
C2' T44 F . 6.89 -8.62 2.64
C3' T44 F . 5.93 -7.65 2.18
C4' T44 F . 5.34 -6.57 3.02
C5' T44 F . 5.73 -6.53 4.35
C6' T44 F . 6.69 -7.52 4.85
N T44 F . 12.33 -14.90 5.38
O4 T44 F . 8.06 -9.21 4.79
O4' T44 F . 4.46 -5.69 2.54
O T44 F . 9.28 -16.30 4.61
OXT T44 F . 10.45 -16.82 6.30
I3 T44 F . 10.68 -8.31 4.08
I3' T44 F . 5.24 -7.57 0.20
I5 T44 F . 5.83 -11.56 5.27
I5' T44 F . 5.10 -5.17 5.77
C1 T44 G . -11.00 11.34 -5.07
C2 T44 G . -10.30 11.68 -3.89
C3 T44 G . -9.07 11.11 -3.64
C4 T44 G . -8.59 10.17 -4.63
C5 T44 G . -9.31 9.82 -5.85
C6 T44 G . -10.53 10.44 -6.03
C7 T44 G . -12.33 11.93 -5.39
CA T44 G . -12.64 13.16 -4.55
C T44 G . -13.65 13.97 -5.30
C1' T44 G . -6.94 8.64 -4.01
C2' T44 G . -7.71 7.59 -3.34
C3' T44 G . -6.94 6.51 -2.85
C4' T44 G . -5.46 6.36 -2.95
C5' T44 G . -4.76 7.45 -3.61
C6' T44 G . -5.54 8.52 -4.11
N T44 G . -13.15 12.64 -3.29
O4 T44 G . -7.40 9.69 -4.49
O4' T44 G . -4.77 5.33 -2.46
O T44 G . -14.45 13.40 -6.03
OXT T44 G . -13.67 15.21 -5.20
I3 T44 G . -7.82 11.41 -1.97
I3' T44 G . -7.94 4.96 -1.91
I5 T44 G . -8.52 8.44 -7.19
I5' T44 G . -2.72 7.37 -3.81
#